data_9BUM
#
_entry.id   9BUM
#
loop_
_entity.id
_entity.type
_entity.pdbx_description
1 polymer 'Vitamin K-dependent gamma-carboxylase'
2 branched 2-acetamido-2-deoxy-beta-D-glucopyranose-(1-4)-2-acetamido-2-deoxy-beta-D-glucopyranose
3 non-polymer CHOLESTEROL
#
_entity_poly.entity_id   1
_entity_poly.type   'polypeptide(L)'
_entity_poly.pdbx_seq_one_letter_code
;MAVSAGSARTSPSSDKVQKDKAELISGPRQDSRIGKLLGFEWTDLSSWRRLVTLLNRPTDPASLAVFRFLFGFLMVLDIP
QERGLSSLDRKYLDGLDVCRFPLLDALRPLPLDWMYLVYTIMFLGALGMMLGLCYRISCVLFLLPYWYVFLLDKTSWNNH
SYLYGLLAFQLTFMDANHYWSVDGLLNAHRRNAHVPLWNYAVLRGQIFIVYFIAGVKKLDADWVEGYSMEYLSRHWLFSP
FKLLLSEELTSLLVVHWGGLLLDLSAGFLLFFDVSRSIGLFFVSYFHCMNSQLFSIGMFSYVMLASSPLFCSPEWPRKLV
SYCPRRLQQLLPLKAAPQPSVSCVYKRSRGKSGQKPGLRHQLGAAFTLLYLLEQLFLPYSHFLTQGYNNWTNGLYGYSWD
MMVHSRSHQHVKITYRDGRTGELGYLNPGVFTQSRRWKDHADMLKQYATCLSRLLPKYNVTEPQIYFDIWVSINDRFQQR
IFDPRVDIVQAAWSPFQRTSWVQPLLMDLSPWRAKLQEIKSSLDNHTEVVFIADFPGLHLENFVSEDLGNTSIQLLQGEV
TVELVAEQKNQTLREGEKMQLPAGEYHKVYTTSPSPSCYMYVYVNTTELALEQDLAYLQELKEKVENGSETGPLPPELQP
LLEGEVKGGPEPTPLVQTFLRRQQRLQEIERRRNTPFHERFFRFLLRKLYVFRRSFLMTCISLRNLILGRPSLEQLAQEV
TYANLRPFEAVGELNPSNTDSSHSNPPESNPDPVHSEFDYKDDDDK
;
_entity_poly.pdbx_strand_id   A
#
# COMPACT_ATOMS: atom_id res chain seq x y z
N SER A 47 11.90 -37.48 13.63
CA SER A 47 13.29 -37.26 13.28
C SER A 47 13.36 -36.20 12.19
N TRP A 48 14.57 -35.93 11.71
CA TRP A 48 14.75 -34.99 10.62
C TRP A 48 14.69 -35.69 9.27
N ARG A 49 15.28 -36.89 9.18
CA ARG A 49 15.17 -37.68 7.96
C ARG A 49 13.76 -38.21 7.76
N ARG A 50 13.03 -38.44 8.85
CA ARG A 50 11.63 -38.81 8.74
C ARG A 50 10.74 -37.62 8.36
N LEU A 51 11.18 -36.40 8.69
CA LEU A 51 10.41 -35.21 8.33
C LEU A 51 10.50 -34.89 6.85
N VAL A 52 11.71 -34.94 6.30
CA VAL A 52 11.93 -34.62 4.90
C VAL A 52 11.32 -35.69 3.99
N THR A 53 11.21 -36.92 4.49
CA THR A 53 10.53 -37.97 3.74
C THR A 53 9.02 -37.75 3.74
N LEU A 54 8.49 -37.14 4.80
CA LEU A 54 7.08 -36.77 4.81
C LEU A 54 6.82 -35.59 3.86
N LEU A 55 7.68 -34.57 3.91
CA LEU A 55 7.43 -33.36 3.12
C LEU A 55 7.73 -33.55 1.64
N ASN A 56 8.57 -34.52 1.28
CA ASN A 56 8.84 -34.82 -0.11
C ASN A 56 8.07 -36.06 -0.60
N ARG A 57 6.97 -36.38 0.08
CA ARG A 57 6.16 -37.51 -0.33
C ARG A 57 5.48 -37.22 -1.66
N PRO A 58 5.43 -38.19 -2.58
CA PRO A 58 4.78 -37.97 -3.88
C PRO A 58 3.28 -37.77 -3.74
N THR A 59 2.81 -36.61 -4.21
CA THR A 59 1.40 -36.25 -4.23
C THR A 59 0.95 -36.06 -5.67
N ASP A 60 -0.34 -35.82 -5.83
CA ASP A 60 -0.89 -35.60 -7.16
C ASP A 60 -0.54 -34.19 -7.63
N PRO A 61 -0.14 -34.02 -8.90
CA PRO A 61 0.27 -32.69 -9.38
C PRO A 61 -0.83 -31.85 -10.02
N ALA A 62 -2.10 -32.23 -9.89
CA ALA A 62 -3.12 -31.58 -10.69
C ALA A 62 -3.71 -30.33 -10.03
N SER A 63 -4.01 -30.37 -8.73
CA SER A 63 -4.62 -29.21 -8.08
C SER A 63 -3.63 -28.07 -7.90
N LEU A 64 -2.33 -28.35 -7.91
CA LEU A 64 -1.36 -27.28 -8.01
C LEU A 64 -1.40 -26.64 -9.39
N ALA A 65 -1.67 -27.44 -10.42
CA ALA A 65 -1.55 -26.97 -11.79
C ALA A 65 -2.75 -26.16 -12.23
N VAL A 66 -3.89 -26.32 -11.57
CA VAL A 66 -4.98 -25.38 -11.78
C VAL A 66 -4.64 -24.04 -11.14
N PHE A 67 -4.05 -24.08 -9.95
CA PHE A 67 -3.66 -22.84 -9.27
C PHE A 67 -2.47 -22.17 -9.95
N ARG A 68 -1.65 -22.91 -10.68
CA ARG A 68 -0.63 -22.27 -11.49
C ARG A 68 -1.28 -21.54 -12.66
N PHE A 69 -2.35 -22.09 -13.20
CA PHE A 69 -3.04 -21.45 -14.31
C PHE A 69 -3.88 -20.27 -13.83
N LEU A 70 -4.70 -20.47 -12.81
CA LEU A 70 -5.60 -19.41 -12.36
C LEU A 70 -4.88 -18.30 -11.59
N PHE A 71 -3.61 -18.49 -11.25
CA PHE A 71 -2.83 -17.35 -10.79
C PHE A 71 -2.06 -16.74 -11.95
N GLY A 72 -1.61 -17.57 -12.90
CA GLY A 72 -0.96 -17.04 -14.08
C GLY A 72 -1.92 -16.32 -15.01
N PHE A 73 -3.21 -16.69 -14.96
CA PHE A 73 -4.21 -16.00 -15.76
C PHE A 73 -4.71 -14.74 -15.05
N LEU A 74 -4.78 -14.76 -13.72
CA LEU A 74 -5.18 -13.56 -13.01
C LEU A 74 -4.05 -12.55 -12.87
N MET A 75 -2.81 -12.92 -13.26
CA MET A 75 -1.76 -11.94 -13.49
C MET A 75 -1.62 -11.57 -14.96
N VAL A 76 -2.56 -11.97 -15.81
CA VAL A 76 -2.67 -11.38 -17.13
C VAL A 76 -3.66 -10.23 -17.09
N LEU A 77 -4.77 -10.41 -16.36
CA LEU A 77 -5.73 -9.33 -16.18
C LEU A 77 -5.22 -8.25 -15.24
N ASP A 78 -4.24 -8.57 -14.39
CA ASP A 78 -3.84 -7.65 -13.34
C ASP A 78 -2.92 -6.53 -13.81
N ILE A 79 -1.93 -6.85 -14.64
CA ILE A 79 -0.90 -5.91 -15.07
C ILE A 79 -1.45 -4.71 -15.85
N PRO A 80 -2.46 -4.83 -16.72
CA PRO A 80 -3.11 -3.59 -17.21
C PRO A 80 -3.88 -2.84 -16.15
N GLN A 81 -4.70 -3.52 -15.35
CA GLN A 81 -5.66 -2.82 -14.49
C GLN A 81 -5.00 -2.21 -13.25
N GLU A 82 -4.43 -3.03 -12.38
CA GLU A 82 -3.98 -2.54 -11.07
C GLU A 82 -2.51 -2.18 -11.00
N ARG A 83 -1.62 -2.93 -11.66
CA ARG A 83 -0.19 -2.64 -11.55
C ARG A 83 0.24 -1.43 -12.35
N GLY A 84 -0.65 -0.86 -13.16
CA GLY A 84 -0.39 0.44 -13.73
C GLY A 84 0.31 0.46 -15.06
N LEU A 85 0.15 -0.58 -15.88
CA LEU A 85 0.67 -0.51 -17.25
C LEU A 85 -0.15 0.42 -18.12
N SER A 86 -1.40 0.69 -17.73
CA SER A 86 -2.19 1.69 -18.42
C SER A 86 -1.75 3.11 -18.09
N SER A 87 -1.01 3.31 -17.00
CA SER A 87 -0.69 4.66 -16.52
C SER A 87 0.77 4.78 -16.10
N LEU A 88 1.70 4.24 -16.89
CA LEU A 88 3.11 4.49 -16.60
C LEU A 88 3.56 5.84 -17.12
N ASP A 89 2.90 6.36 -18.16
CA ASP A 89 3.35 7.57 -18.82
C ASP A 89 3.25 8.81 -17.94
N ARG A 90 2.19 8.93 -17.15
CA ARG A 90 2.06 10.04 -16.21
C ARG A 90 2.79 9.79 -14.90
N LYS A 91 3.32 8.59 -14.70
CA LYS A 91 3.85 8.18 -13.40
C LYS A 91 5.37 8.17 -13.35
N TYR A 92 6.03 7.66 -14.38
CA TYR A 92 7.48 7.57 -14.43
C TYR A 92 8.02 8.38 -15.60
N LEU A 93 7.41 9.55 -15.83
CA LEU A 93 7.71 10.37 -17.00
C LEU A 93 9.14 10.90 -16.96
N ASP A 94 9.75 11.01 -18.15
CA ASP A 94 11.15 11.40 -18.24
C ASP A 94 11.34 12.87 -17.91
N GLY A 95 12.27 13.16 -17.01
CA GLY A 95 12.59 14.52 -16.64
C GLY A 95 11.66 15.17 -15.64
N LEU A 96 10.52 14.55 -15.35
CA LEU A 96 9.57 15.12 -14.40
C LEU A 96 10.10 14.95 -12.99
N ASP A 97 10.02 16.01 -12.19
CA ASP A 97 10.50 15.99 -10.81
C ASP A 97 9.40 15.45 -9.91
N VAL A 98 9.50 14.17 -9.56
CA VAL A 98 8.56 13.53 -8.64
C VAL A 98 9.37 12.96 -7.48
N CYS A 99 8.83 13.09 -6.27
CA CYS A 99 9.44 12.50 -5.08
C CYS A 99 8.94 11.07 -4.91
N ARG A 100 9.77 10.11 -5.28
CA ARG A 100 9.43 8.69 -5.16
C ARG A 100 9.39 8.28 -3.71
N PHE A 101 8.74 7.14 -3.45
CA PHE A 101 8.76 6.51 -2.14
C PHE A 101 9.11 5.03 -2.30
N PRO A 102 10.38 4.70 -2.51
CA PRO A 102 10.77 3.30 -2.55
C PRO A 102 11.08 2.77 -1.17
N LEU A 103 11.20 1.45 -1.08
CA LEU A 103 11.52 0.85 0.21
C LEU A 103 12.99 1.02 0.54
N LEU A 104 13.86 0.47 -0.29
CA LEU A 104 15.28 0.81 -0.25
C LEU A 104 15.48 2.12 -0.99
N ASP A 105 16.33 2.99 -0.48
CA ASP A 105 16.49 4.28 -1.13
C ASP A 105 17.46 4.23 -2.30
N ALA A 106 18.10 3.08 -2.53
CA ALA A 106 18.93 2.91 -3.72
C ALA A 106 18.13 2.50 -4.93
N LEU A 107 16.85 2.20 -4.77
CA LEU A 107 15.99 1.81 -5.89
C LEU A 107 15.56 3.06 -6.65
N ARG A 108 16.39 3.51 -7.56
CA ARG A 108 15.94 4.56 -8.45
C ARG A 108 15.20 3.94 -9.63
N PRO A 109 14.04 4.47 -9.99
CA PRO A 109 13.30 3.89 -11.13
C PRO A 109 14.01 4.16 -12.44
N LEU A 110 13.84 3.23 -13.38
CA LEU A 110 14.42 3.34 -14.71
C LEU A 110 13.72 4.44 -15.50
N PRO A 111 14.31 4.90 -16.59
CA PRO A 111 13.57 5.76 -17.51
C PRO A 111 12.39 5.03 -18.14
N LEU A 112 11.43 5.83 -18.65
CA LEU A 112 10.18 5.29 -19.17
C LEU A 112 10.39 4.44 -20.42
N ASP A 113 11.48 4.65 -21.15
CA ASP A 113 11.83 3.77 -22.26
C ASP A 113 12.12 2.35 -21.77
N TRP A 114 12.78 2.25 -20.61
CA TRP A 114 13.11 0.92 -20.08
C TRP A 114 11.98 0.39 -19.20
N MET A 115 11.14 1.29 -18.66
CA MET A 115 10.14 0.86 -17.67
C MET A 115 8.95 0.20 -18.34
N TYR A 116 8.79 0.39 -19.65
CA TYR A 116 7.79 -0.36 -20.38
C TYR A 116 8.28 -1.76 -20.73
N LEU A 117 9.59 -1.99 -20.66
CA LEU A 117 10.14 -3.32 -20.84
C LEU A 117 10.01 -4.15 -19.56
N VAL A 118 10.10 -3.50 -18.40
CA VAL A 118 10.03 -4.21 -17.12
C VAL A 118 8.63 -4.75 -16.89
N TYR A 119 7.61 -4.00 -17.31
CA TYR A 119 6.26 -4.54 -17.29
C TYR A 119 5.97 -5.47 -18.46
N THR A 120 6.90 -5.60 -19.41
CA THR A 120 6.71 -6.55 -20.49
C THR A 120 7.31 -7.91 -20.12
N ILE A 121 8.47 -7.89 -19.48
CA ILE A 121 9.05 -9.11 -18.91
C ILE A 121 8.12 -9.67 -17.83
N MET A 122 7.49 -8.79 -17.05
CA MET A 122 6.44 -9.20 -16.14
C MET A 122 5.26 -9.82 -16.89
N PHE A 123 4.99 -9.35 -18.11
CA PHE A 123 3.88 -9.94 -18.85
C PHE A 123 4.33 -11.11 -19.71
N LEU A 124 5.62 -11.18 -20.08
CA LEU A 124 6.11 -12.43 -20.67
C LEU A 124 6.26 -13.50 -19.61
N GLY A 125 6.54 -13.10 -18.38
CA GLY A 125 6.64 -14.03 -17.27
C GLY A 125 5.28 -14.56 -16.86
N ALA A 126 4.27 -13.68 -16.78
CA ALA A 126 2.94 -14.12 -16.41
C ALA A 126 2.16 -14.72 -17.56
N LEU A 127 2.79 -14.89 -18.73
CA LEU A 127 2.15 -15.64 -19.81
C LEU A 127 2.66 -17.08 -19.83
N GLY A 128 3.93 -17.29 -19.47
CA GLY A 128 4.46 -18.64 -19.33
C GLY A 128 4.15 -19.29 -18.00
N MET A 129 3.81 -18.50 -16.99
CA MET A 129 3.26 -19.05 -15.76
C MET A 129 1.78 -19.35 -15.88
N MET A 130 1.11 -18.74 -16.86
CA MET A 130 -0.27 -19.13 -17.17
C MET A 130 -0.29 -20.52 -17.80
N LEU A 131 0.40 -20.68 -18.92
CA LEU A 131 0.44 -21.94 -19.65
C LEU A 131 1.24 -23.01 -18.92
N GLY A 132 2.25 -22.62 -18.15
CA GLY A 132 3.21 -23.58 -17.63
C GLY A 132 4.38 -23.76 -18.56
N LEU A 133 4.79 -22.69 -19.25
CA LEU A 133 5.75 -22.77 -20.34
C LEU A 133 7.07 -22.18 -19.87
N CYS A 134 8.14 -22.98 -19.94
CA CYS A 134 9.50 -22.61 -19.56
C CYS A 134 9.54 -22.08 -18.12
N TYR A 135 9.06 -22.94 -17.22
CA TYR A 135 8.50 -22.47 -15.96
C TYR A 135 9.55 -22.01 -14.95
N ARG A 136 10.77 -22.54 -15.03
CA ARG A 136 11.81 -22.05 -14.13
C ARG A 136 12.44 -20.76 -14.64
N ILE A 137 12.14 -20.39 -15.88
CA ILE A 137 12.55 -19.08 -16.38
C ILE A 137 11.38 -18.10 -16.35
N SER A 138 10.17 -18.58 -16.65
CA SER A 138 9.00 -17.70 -16.67
C SER A 138 8.52 -17.32 -15.27
N CYS A 139 9.11 -17.87 -14.22
CA CYS A 139 8.81 -17.39 -12.87
C CYS A 139 9.80 -16.33 -12.45
N VAL A 140 11.09 -16.56 -12.73
CA VAL A 140 12.12 -15.55 -12.48
C VAL A 140 11.92 -14.32 -13.37
N LEU A 141 11.30 -14.49 -14.53
CA LEU A 141 10.92 -13.32 -15.32
C LEU A 141 9.64 -12.67 -14.83
N PHE A 142 8.93 -13.28 -13.89
CA PHE A 142 7.84 -12.61 -13.22
C PHE A 142 8.17 -12.21 -11.79
N LEU A 143 9.15 -12.86 -11.17
CA LEU A 143 9.45 -12.54 -9.78
C LEU A 143 10.32 -11.30 -9.65
N LEU A 144 11.45 -11.27 -10.35
CA LEU A 144 12.40 -10.17 -10.22
C LEU A 144 11.89 -8.82 -10.76
N PRO A 145 11.10 -8.73 -11.83
CA PRO A 145 10.45 -7.45 -12.10
C PRO A 145 9.12 -7.25 -11.41
N TYR A 146 8.74 -8.09 -10.46
CA TYR A 146 7.64 -7.74 -9.57
C TYR A 146 8.16 -7.14 -8.28
N TRP A 147 9.15 -7.78 -7.68
CA TRP A 147 9.77 -7.23 -6.48
C TRP A 147 10.81 -6.15 -6.79
N TYR A 148 10.84 -5.66 -8.03
CA TYR A 148 11.46 -4.38 -8.32
C TYR A 148 10.41 -3.31 -8.47
N VAL A 149 9.24 -3.68 -9.01
CA VAL A 149 8.11 -2.76 -9.07
C VAL A 149 7.49 -2.56 -7.71
N PHE A 150 7.25 -3.65 -6.97
CA PHE A 150 6.52 -3.56 -5.71
C PHE A 150 7.36 -2.90 -4.62
N LEU A 151 8.67 -3.08 -4.67
CA LEU A 151 9.57 -2.40 -3.75
C LEU A 151 9.92 -0.98 -4.19
N LEU A 152 9.37 -0.50 -5.30
CA LEU A 152 9.66 0.84 -5.79
C LEU A 152 8.66 1.88 -5.31
N ASP A 153 7.48 1.47 -4.84
CA ASP A 153 6.45 2.41 -4.47
C ASP A 153 5.81 1.94 -3.17
N LYS A 154 6.19 2.57 -2.06
CA LYS A 154 5.63 2.24 -0.76
C LYS A 154 4.15 2.60 -0.64
N THR A 155 3.69 3.58 -1.42
CA THR A 155 2.28 3.90 -1.44
C THR A 155 1.46 2.88 -2.19
N SER A 156 2.09 2.08 -3.06
CA SER A 156 1.40 1.04 -3.81
C SER A 156 1.28 -0.26 -3.03
N TRP A 157 1.84 -0.34 -1.84
CA TRP A 157 1.71 -1.55 -1.04
C TRP A 157 0.31 -1.61 -0.45
N ASN A 158 -0.27 -2.80 -0.51
CA ASN A 158 -1.48 -3.13 0.22
C ASN A 158 -1.46 -4.62 0.51
N ASN A 159 -2.61 -5.17 0.90
CA ASN A 159 -2.60 -6.54 1.36
C ASN A 159 -3.08 -7.53 0.31
N HIS A 160 -3.23 -7.11 -0.94
CA HIS A 160 -3.40 -8.08 -2.02
C HIS A 160 -2.26 -8.04 -3.02
N SER A 161 -1.66 -6.88 -3.28
CA SER A 161 -0.52 -6.83 -4.19
C SER A 161 0.79 -7.17 -3.49
N TYR A 162 0.74 -7.48 -2.20
CA TYR A 162 1.85 -8.14 -1.53
C TYR A 162 1.67 -9.65 -1.56
N LEU A 163 0.43 -10.12 -1.64
CA LEU A 163 0.17 -11.55 -1.74
C LEU A 163 0.68 -12.10 -3.05
N TYR A 164 0.54 -11.36 -4.15
CA TYR A 164 0.99 -11.89 -5.43
C TYR A 164 2.51 -11.91 -5.52
N GLY A 165 3.17 -10.98 -4.82
CA GLY A 165 4.60 -11.05 -4.68
C GLY A 165 5.07 -12.18 -3.79
N LEU A 166 4.19 -12.72 -2.94
CA LEU A 166 4.49 -13.91 -2.18
C LEU A 166 4.23 -15.17 -3.00
N LEU A 167 3.05 -15.24 -3.63
CA LEU A 167 2.66 -16.43 -4.38
C LEU A 167 3.46 -16.61 -5.65
N ALA A 168 4.15 -15.58 -6.13
CA ALA A 168 5.12 -15.78 -7.20
C ALA A 168 6.49 -16.13 -6.68
N PHE A 169 6.70 -16.07 -5.36
CA PHE A 169 7.96 -16.51 -4.80
C PHE A 169 7.93 -17.97 -4.41
N GLN A 170 6.77 -18.46 -3.98
CA GLN A 170 6.64 -19.89 -3.72
C GLN A 170 6.59 -20.66 -5.02
N LEU A 171 5.82 -20.18 -5.99
CA LEU A 171 5.63 -20.89 -7.25
C LEU A 171 6.86 -20.87 -8.14
N THR A 172 7.88 -20.06 -7.82
CA THR A 172 9.13 -20.15 -8.56
C THR A 172 9.86 -21.44 -8.20
N PHE A 173 9.93 -21.77 -6.91
CA PHE A 173 10.60 -22.97 -6.44
C PHE A 173 9.76 -24.23 -6.60
N MET A 174 8.52 -24.12 -7.02
CA MET A 174 7.61 -25.25 -7.03
C MET A 174 7.56 -25.93 -8.39
N ASP A 175 7.22 -27.20 -8.37
CA ASP A 175 7.06 -28.00 -9.60
C ASP A 175 5.61 -27.94 -10.08
N ALA A 176 5.16 -26.75 -10.41
CA ALA A 176 3.78 -26.57 -10.86
C ALA A 176 3.57 -26.96 -12.30
N ASN A 177 4.63 -27.06 -13.11
CA ASN A 177 4.51 -27.37 -14.52
C ASN A 177 4.56 -28.85 -14.81
N HIS A 178 4.22 -29.69 -13.84
CA HIS A 178 4.17 -31.13 -14.06
C HIS A 178 2.90 -31.55 -14.77
N TYR A 179 1.77 -30.88 -14.50
CA TYR A 179 0.50 -31.23 -15.09
C TYR A 179 0.00 -30.03 -15.88
N TRP A 180 -0.59 -30.29 -17.04
CA TRP A 180 -1.26 -29.30 -17.89
C TRP A 180 -0.35 -28.12 -18.24
N SER A 181 0.73 -28.42 -18.93
CA SER A 181 1.72 -27.40 -19.25
C SER A 181 2.05 -27.45 -20.73
N VAL A 182 3.07 -26.68 -21.10
CA VAL A 182 3.71 -26.86 -22.40
C VAL A 182 5.03 -27.58 -22.22
N ASP A 183 5.66 -27.42 -21.05
CA ASP A 183 6.84 -28.20 -20.69
C ASP A 183 6.53 -29.69 -20.62
N GLY A 184 5.32 -30.06 -20.21
CA GLY A 184 4.91 -31.44 -20.30
C GLY A 184 4.71 -31.90 -21.72
N LEU A 185 4.28 -31.01 -22.61
CA LEU A 185 4.13 -31.36 -24.01
C LEU A 185 5.42 -31.16 -24.81
N LEU A 186 6.54 -30.93 -24.14
CA LEU A 186 7.85 -30.87 -24.77
C LEU A 186 8.86 -31.76 -24.06
N ASN A 187 8.70 -32.00 -22.77
CA ASN A 187 9.52 -32.91 -22.00
C ASN A 187 8.65 -34.02 -21.44
N ALA A 188 9.13 -35.26 -21.51
CA ALA A 188 8.34 -36.39 -21.03
C ALA A 188 8.36 -36.50 -19.51
N HIS A 189 9.51 -36.24 -18.89
CA HIS A 189 9.64 -36.40 -17.45
C HIS A 189 9.09 -35.21 -16.67
N ARG A 190 8.52 -34.21 -17.33
CA ARG A 190 7.77 -33.16 -16.69
C ARG A 190 6.28 -33.25 -17.02
N ARG A 191 5.81 -34.41 -17.44
CA ARG A 191 4.44 -34.58 -17.91
C ARG A 191 3.68 -35.48 -16.93
N ASN A 192 2.78 -34.88 -16.15
CA ASN A 192 1.88 -35.58 -15.23
C ASN A 192 2.63 -36.43 -14.21
N ALA A 193 3.66 -35.85 -13.61
CA ALA A 193 4.53 -36.55 -12.69
C ALA A 193 4.32 -36.03 -11.27
N HIS A 194 4.47 -36.93 -10.30
CA HIS A 194 4.22 -36.65 -8.90
C HIS A 194 5.14 -35.56 -8.36
N VAL A 195 4.56 -34.63 -7.61
CA VAL A 195 5.28 -33.50 -7.05
C VAL A 195 5.36 -33.68 -5.54
N PRO A 196 6.40 -33.18 -4.88
CA PRO A 196 6.50 -33.33 -3.43
C PRO A 196 5.43 -32.54 -2.69
N LEU A 197 5.21 -32.94 -1.44
CA LEU A 197 4.14 -32.38 -0.61
C LEU A 197 4.39 -30.93 -0.23
N TRP A 198 5.65 -30.46 -0.27
CA TRP A 198 5.89 -29.07 0.09
C TRP A 198 5.48 -28.10 -1.00
N ASN A 199 5.08 -28.57 -2.17
CA ASN A 199 4.35 -27.71 -3.09
C ASN A 199 2.95 -27.43 -2.61
N TYR A 200 2.38 -28.37 -1.85
CA TYR A 200 1.04 -28.19 -1.31
C TYR A 200 1.04 -27.74 0.14
N ALA A 201 2.07 -28.10 0.92
CA ALA A 201 2.09 -27.72 2.32
C ALA A 201 2.41 -26.24 2.50
N VAL A 202 3.26 -25.68 1.62
CA VAL A 202 3.52 -24.24 1.66
C VAL A 202 2.29 -23.46 1.21
N LEU A 203 1.66 -23.89 0.11
CA LEU A 203 0.50 -23.18 -0.41
C LEU A 203 -0.73 -23.37 0.47
N ARG A 204 -0.83 -24.48 1.18
CA ARG A 204 -1.88 -24.57 2.19
C ARG A 204 -1.50 -23.81 3.44
N GLY A 205 -0.21 -23.51 3.61
CA GLY A 205 0.25 -22.76 4.76
C GLY A 205 0.32 -21.26 4.54
N GLN A 206 0.32 -20.81 3.29
CA GLN A 206 0.30 -19.39 3.01
C GLN A 206 -1.11 -18.84 3.06
N ILE A 207 -2.07 -19.57 2.47
CA ILE A 207 -3.46 -19.17 2.49
C ILE A 207 -4.08 -19.45 3.85
N PHE A 208 -3.43 -20.28 4.67
CA PHE A 208 -3.85 -20.40 6.07
C PHE A 208 -3.54 -19.12 6.84
N ILE A 209 -2.32 -18.62 6.71
CA ILE A 209 -1.87 -17.46 7.49
C ILE A 209 -2.61 -16.19 7.09
N VAL A 210 -2.89 -16.01 5.81
CA VAL A 210 -3.71 -14.89 5.37
C VAL A 210 -5.13 -15.01 5.93
N TYR A 211 -5.65 -16.22 6.01
CA TYR A 211 -6.95 -16.42 6.64
C TYR A 211 -6.87 -16.41 8.16
N PHE A 212 -5.67 -16.58 8.73
CA PHE A 212 -5.56 -16.64 10.19
C PHE A 212 -5.19 -15.30 10.80
N ILE A 213 -4.20 -14.61 10.25
CA ILE A 213 -3.76 -13.34 10.83
C ILE A 213 -4.80 -12.25 10.59
N ALA A 214 -5.59 -12.35 9.52
CA ALA A 214 -6.65 -11.38 9.30
C ALA A 214 -7.81 -11.58 10.27
N GLY A 215 -7.88 -12.73 10.93
CA GLY A 215 -8.84 -12.94 12.01
C GLY A 215 -8.29 -12.44 13.33
N VAL A 216 -6.97 -12.60 13.53
CA VAL A 216 -6.36 -12.14 14.77
C VAL A 216 -6.16 -10.63 14.76
N LYS A 217 -5.96 -10.03 13.59
CA LYS A 217 -5.83 -8.58 13.50
C LYS A 217 -7.17 -7.86 13.64
N LYS A 218 -8.29 -8.59 13.71
CA LYS A 218 -9.58 -8.03 14.01
C LYS A 218 -9.85 -7.92 15.52
N LEU A 219 -8.87 -8.27 16.34
CA LEU A 219 -9.00 -8.17 17.79
C LEU A 219 -8.76 -6.76 18.31
N ASP A 220 -8.27 -5.86 17.46
CA ASP A 220 -7.99 -4.49 17.87
C ASP A 220 -9.19 -3.58 17.62
N SER A 295 -13.83 -2.84 -3.80
CA SER A 295 -12.81 -2.30 -4.68
C SER A 295 -11.41 -2.75 -4.27
N ILE A 296 -11.28 -4.04 -3.95
CA ILE A 296 -10.01 -4.62 -3.54
C ILE A 296 -9.30 -5.30 -4.72
N GLY A 297 -9.82 -5.13 -5.93
CA GLY A 297 -9.11 -5.62 -7.10
C GLY A 297 -9.38 -7.09 -7.34
N MET A 298 -8.30 -7.84 -7.63
CA MET A 298 -8.37 -9.26 -7.93
C MET A 298 -8.37 -10.13 -6.68
N PHE A 299 -8.40 -9.52 -5.49
CA PHE A 299 -8.30 -10.27 -4.25
C PHE A 299 -9.54 -11.14 -4.02
N SER A 300 -10.69 -10.71 -4.52
CA SER A 300 -11.90 -11.51 -4.38
C SER A 300 -11.93 -12.71 -5.31
N TYR A 301 -11.04 -12.76 -6.31
CA TYR A 301 -10.99 -13.88 -7.24
C TYR A 301 -9.84 -14.84 -6.98
N VAL A 302 -8.69 -14.34 -6.50
CA VAL A 302 -7.56 -15.21 -6.22
C VAL A 302 -7.86 -16.10 -5.01
N MET A 303 -8.46 -15.54 -3.96
CA MET A 303 -8.85 -16.34 -2.81
C MET A 303 -10.02 -17.27 -3.11
N LEU A 304 -10.75 -17.02 -4.19
CA LEU A 304 -11.72 -18.00 -4.68
C LEU A 304 -11.04 -19.04 -5.54
N ALA A 305 -9.96 -18.67 -6.24
CA ALA A 305 -9.21 -19.62 -7.04
C ALA A 305 -8.24 -20.43 -6.20
N SER A 306 -7.82 -19.90 -5.04
CA SER A 306 -6.92 -20.61 -4.16
C SER A 306 -7.61 -21.61 -3.26
N SER A 307 -8.92 -21.48 -3.07
CA SER A 307 -9.67 -22.45 -2.27
C SER A 307 -9.64 -23.89 -2.79
N PRO A 308 -9.43 -24.20 -4.10
CA PRO A 308 -9.15 -25.60 -4.46
C PRO A 308 -7.74 -26.12 -4.15
N LEU A 309 -6.96 -25.39 -3.34
CA LEU A 309 -5.74 -25.99 -2.80
C LEU A 309 -6.02 -26.77 -1.52
N PHE A 310 -6.99 -26.32 -0.73
CA PHE A 310 -7.35 -27.02 0.51
C PHE A 310 -8.14 -28.29 0.26
N CYS A 311 -8.72 -28.45 -0.92
CA CYS A 311 -9.35 -29.70 -1.30
C CYS A 311 -8.27 -30.74 -1.62
N SER A 312 -8.70 -32.00 -1.75
CA SER A 312 -7.80 -33.07 -2.13
C SER A 312 -7.27 -32.83 -3.55
N PRO A 313 -6.02 -33.22 -3.83
CA PRO A 313 -5.44 -32.94 -5.15
C PRO A 313 -6.03 -33.75 -6.29
N GLU A 314 -6.92 -34.71 -6.03
CA GLU A 314 -7.56 -35.49 -7.08
C GLU A 314 -8.70 -34.75 -7.77
N TRP A 315 -9.02 -33.52 -7.35
CA TRP A 315 -10.17 -32.81 -7.91
C TRP A 315 -10.09 -32.42 -9.39
N PRO A 316 -8.92 -32.17 -10.03
CA PRO A 316 -8.96 -31.99 -11.49
C PRO A 316 -9.02 -33.28 -12.28
N ARG A 317 -9.12 -34.43 -11.60
CA ARG A 317 -9.43 -35.68 -12.28
C ARG A 317 -10.88 -36.08 -12.06
N LYS A 318 -11.62 -35.33 -11.25
CA LYS A 318 -13.01 -35.64 -10.97
C LYS A 318 -13.98 -34.99 -11.96
N LEU A 319 -13.78 -33.71 -12.29
CA LEU A 319 -14.71 -33.03 -13.18
C LEU A 319 -14.53 -33.44 -14.64
N VAL A 320 -13.34 -33.95 -15.00
CA VAL A 320 -13.14 -34.43 -16.36
C VAL A 320 -13.86 -35.76 -16.56
N SER A 321 -14.09 -36.50 -15.46
CA SER A 321 -14.91 -37.70 -15.53
C SER A 321 -16.40 -37.37 -15.63
N TYR A 322 -16.80 -36.19 -15.15
CA TYR A 322 -18.16 -35.69 -15.37
C TYR A 322 -18.33 -35.05 -16.74
N CYS A 323 -17.23 -34.81 -17.45
CA CYS A 323 -17.27 -34.24 -18.78
C CYS A 323 -17.53 -35.32 -19.82
N PRO A 324 -18.04 -34.95 -21.00
CA PRO A 324 -18.23 -35.94 -22.07
C PRO A 324 -16.90 -36.47 -22.62
N ARG A 325 -17.01 -37.52 -23.43
CA ARG A 325 -15.83 -38.22 -23.94
C ARG A 325 -15.08 -37.37 -24.96
N ARG A 326 -15.82 -36.69 -25.84
CA ARG A 326 -15.18 -35.87 -26.86
C ARG A 326 -14.55 -34.60 -26.29
N LEU A 327 -14.99 -34.17 -25.12
CA LEU A 327 -14.37 -33.04 -24.45
C LEU A 327 -13.10 -33.43 -23.70
N GLN A 328 -12.84 -34.74 -23.56
CA GLN A 328 -11.64 -35.20 -22.87
C GLN A 328 -10.38 -35.11 -23.72
N GLN A 329 -10.48 -34.72 -24.99
CA GLN A 329 -9.32 -34.75 -25.87
C GLN A 329 -8.50 -33.46 -25.80
N LEU A 330 -9.14 -32.31 -25.65
CA LEU A 330 -8.40 -31.07 -25.46
C LEU A 330 -8.06 -30.81 -23.99
N LEU A 331 -8.83 -31.38 -23.07
CA LEU A 331 -8.46 -31.41 -21.67
C LEU A 331 -7.23 -32.31 -21.49
N PRO A 332 -6.38 -32.02 -20.48
CA PRO A 332 -5.15 -32.82 -20.32
C PRO A 332 -5.35 -34.23 -19.80
N LEU A 333 -4.25 -34.91 -19.49
CA LEU A 333 -4.25 -36.36 -19.31
C LEU A 333 -5.02 -36.78 -18.06
N LYS A 334 -5.74 -37.88 -18.17
CA LYS A 334 -6.65 -38.36 -17.14
C LYS A 334 -6.11 -39.57 -16.38
N ALA A 335 -5.05 -40.20 -16.88
CA ALA A 335 -4.55 -41.45 -16.32
C ALA A 335 -3.84 -41.22 -14.98
N ALA A 336 -3.33 -42.31 -14.42
CA ALA A 336 -2.63 -42.22 -13.14
C ALA A 336 -1.27 -41.57 -13.33
N PRO A 337 -0.87 -40.68 -12.42
CA PRO A 337 0.37 -39.93 -12.62
C PRO A 337 1.61 -40.79 -12.36
N GLN A 338 2.62 -40.55 -13.20
CA GLN A 338 3.88 -41.26 -13.12
C GLN A 338 4.73 -40.73 -11.96
N PRO A 339 5.71 -41.51 -11.51
CA PRO A 339 6.70 -40.96 -10.57
C PRO A 339 7.63 -39.96 -11.25
N SER A 340 8.35 -39.21 -10.42
CA SER A 340 9.27 -38.19 -10.87
C SER A 340 10.61 -38.36 -10.19
N VAL A 341 11.50 -37.39 -10.44
CA VAL A 341 12.81 -37.35 -9.79
C VAL A 341 12.76 -36.60 -8.46
N SER A 342 11.83 -35.68 -8.30
CA SER A 342 11.85 -34.71 -7.21
C SER A 342 11.12 -35.16 -5.96
N CYS A 343 11.11 -36.45 -5.65
CA CYS A 343 10.35 -36.95 -4.51
C CYS A 343 11.18 -37.99 -3.74
N VAL A 344 10.60 -38.49 -2.66
CA VAL A 344 11.18 -39.58 -1.87
C VAL A 344 10.16 -40.71 -1.82
N TYR A 345 10.54 -41.86 -2.34
CA TYR A 345 9.62 -42.98 -2.52
C TYR A 345 9.84 -44.05 -1.46
N LYS A 346 8.75 -44.71 -1.07
CA LYS A 346 8.83 -45.88 -0.22
C LYS A 346 9.19 -47.11 -1.05
N LYS A 355 17.02 -42.93 0.65
CA LYS A 355 17.33 -41.78 1.47
C LYS A 355 17.35 -40.51 0.61
N PRO A 356 16.91 -39.38 1.16
CA PRO A 356 16.74 -38.17 0.35
C PRO A 356 18.05 -37.48 0.03
N GLY A 357 17.99 -36.63 -1.01
CA GLY A 357 19.15 -35.96 -1.54
C GLY A 357 19.08 -34.45 -1.40
N LEU A 358 19.94 -33.76 -2.15
CA LEU A 358 20.12 -32.32 -1.97
C LEU A 358 18.93 -31.52 -2.47
N ARG A 359 18.27 -31.99 -3.54
CA ARG A 359 17.02 -31.38 -3.95
C ARG A 359 15.92 -31.65 -2.94
N HIS A 360 15.96 -32.83 -2.31
CA HIS A 360 14.88 -33.23 -1.41
C HIS A 360 14.99 -32.52 -0.07
N GLN A 361 16.20 -32.31 0.44
CA GLN A 361 16.37 -31.77 1.79
C GLN A 361 16.05 -30.29 1.86
N LEU A 362 16.26 -29.54 0.78
CA LEU A 362 15.92 -28.12 0.78
C LEU A 362 14.42 -27.89 0.62
N GLY A 363 13.63 -28.94 0.41
CA GLY A 363 12.20 -28.81 0.48
C GLY A 363 11.69 -28.90 1.91
N ALA A 364 12.56 -29.26 2.85
CA ALA A 364 12.20 -29.20 4.25
C ALA A 364 12.77 -27.96 4.93
N ALA A 365 13.74 -27.30 4.30
CA ALA A 365 14.18 -25.99 4.77
C ALA A 365 13.42 -24.88 4.08
N PHE A 366 12.45 -25.22 3.23
CA PHE A 366 11.57 -24.21 2.65
C PHE A 366 10.13 -24.40 3.11
N THR A 367 9.80 -25.56 3.66
CA THR A 367 8.45 -25.76 4.15
C THR A 367 8.24 -25.00 5.45
N LEU A 368 9.25 -24.98 6.31
CA LEU A 368 9.13 -24.41 7.63
C LEU A 368 9.83 -23.06 7.75
N LEU A 369 11.06 -22.95 7.23
CA LEU A 369 11.83 -21.72 7.38
C LEU A 369 11.28 -20.60 6.52
N TYR A 370 10.43 -20.92 5.54
CA TYR A 370 9.63 -19.88 4.90
C TYR A 370 8.35 -19.63 5.70
N LEU A 371 7.67 -20.69 6.14
CA LEU A 371 6.47 -20.51 6.94
C LEU A 371 6.75 -19.98 8.34
N LEU A 372 8.01 -20.01 8.79
CA LEU A 372 8.32 -19.39 10.08
C LEU A 372 8.31 -17.88 9.98
N GLU A 373 8.81 -17.32 8.89
CA GLU A 373 8.81 -15.86 8.77
C GLU A 373 7.42 -15.36 8.39
N GLN A 374 6.62 -16.19 7.72
CA GLN A 374 5.25 -15.79 7.43
C GLN A 374 4.36 -15.81 8.66
N LEU A 375 4.77 -16.50 9.72
CA LEU A 375 4.15 -16.36 11.03
C LEU A 375 4.78 -15.25 11.85
N PHE A 376 5.91 -14.70 11.41
CA PHE A 376 6.68 -13.75 12.18
C PHE A 376 6.62 -12.33 11.62
N LEU A 377 6.63 -12.17 10.30
CA LEU A 377 6.68 -10.85 9.68
C LEU A 377 5.44 -9.99 9.89
N PRO A 378 4.19 -10.52 10.00
CA PRO A 378 3.11 -9.67 10.49
C PRO A 378 3.30 -9.15 11.90
N TYR A 379 4.09 -9.81 12.74
CA TYR A 379 4.39 -9.33 14.09
C TYR A 379 5.86 -8.94 14.23
N SER A 380 6.47 -8.49 13.13
CA SER A 380 7.82 -7.94 13.15
C SER A 380 7.81 -6.43 13.35
N HIS A 381 6.74 -5.88 13.93
CA HIS A 381 6.62 -4.44 14.10
C HIS A 381 7.57 -3.90 15.17
N PHE A 382 7.76 -4.62 16.27
CA PHE A 382 8.56 -4.07 17.36
C PHE A 382 10.05 -4.07 17.07
N LEU A 383 10.50 -4.72 15.99
CA LEU A 383 11.89 -4.63 15.56
C LEU A 383 12.10 -3.54 14.53
N THR A 384 11.10 -3.26 13.70
CA THR A 384 11.16 -2.16 12.74
C THR A 384 10.46 -0.96 13.35
N GLN A 385 11.10 -0.38 14.37
CA GLN A 385 10.48 0.70 15.12
C GLN A 385 10.58 2.04 14.42
N GLY A 386 11.47 2.19 13.43
CA GLY A 386 11.46 3.38 12.62
C GLY A 386 10.28 3.46 11.68
N TYR A 387 9.70 2.32 11.33
CA TYR A 387 8.56 2.25 10.45
C TYR A 387 7.22 2.32 11.18
N ASN A 388 7.12 1.75 12.38
CA ASN A 388 5.82 1.63 13.02
C ASN A 388 5.38 2.96 13.61
N ASN A 389 4.08 3.12 13.77
CA ASN A 389 3.47 4.37 14.15
C ASN A 389 2.32 4.12 15.12
N TRP A 390 1.42 5.11 15.23
CA TRP A 390 0.27 5.04 16.13
C TRP A 390 -0.59 3.80 15.87
N THR A 391 -1.02 3.58 14.63
CA THR A 391 -2.01 2.56 14.38
C THR A 391 -1.47 1.36 13.61
N ASN A 392 -0.89 1.58 12.43
CA ASN A 392 -0.50 0.47 11.59
C ASN A 392 1.00 0.41 11.38
N GLY A 393 1.61 1.53 11.04
CA GLY A 393 3.01 1.50 10.66
C GLY A 393 3.13 1.28 9.17
N LEU A 394 4.17 0.55 8.76
CA LEU A 394 4.40 0.26 7.35
C LEU A 394 3.34 -0.72 6.88
N TYR A 395 2.41 -0.21 6.08
CA TYR A 395 1.33 -1.03 5.57
C TYR A 395 1.83 -1.94 4.47
N GLY A 396 1.27 -3.14 4.40
CA GLY A 396 1.64 -4.11 3.38
C GLY A 396 1.47 -5.53 3.85
N TYR A 397 2.34 -5.93 4.78
CA TYR A 397 2.34 -7.27 5.31
C TYR A 397 1.46 -7.47 6.54
N SER A 398 0.80 -6.41 6.97
CA SER A 398 -0.04 -6.48 8.16
C SER A 398 -1.24 -7.43 8.05
N TRP A 399 -1.83 -7.48 6.85
CA TRP A 399 -3.01 -8.28 6.44
C TRP A 399 -4.34 -7.67 6.90
N ASP A 400 -4.30 -6.46 7.46
CA ASP A 400 -5.52 -5.81 7.93
C ASP A 400 -5.78 -4.47 7.24
N MET A 401 -6.99 -4.29 6.73
CA MET A 401 -7.37 -3.07 6.04
C MET A 401 -7.10 -1.81 6.85
N MET A 402 -6.60 -0.78 6.20
CA MET A 402 -6.30 0.48 6.88
C MET A 402 -7.57 1.29 7.05
N VAL A 403 -7.59 2.10 8.11
CA VAL A 403 -8.79 2.87 8.42
C VAL A 403 -8.68 4.26 7.77
N HIS A 404 -9.78 4.74 7.23
CA HIS A 404 -9.86 6.06 6.63
C HIS A 404 -10.43 7.12 7.57
N SER A 405 -10.13 7.04 8.87
CA SER A 405 -10.73 7.97 9.83
C SER A 405 -9.89 9.22 10.04
N ARG A 406 -8.79 9.38 9.30
CA ARG A 406 -7.88 10.49 9.58
C ARG A 406 -8.41 11.81 9.03
N SER A 407 -8.60 11.90 7.71
CA SER A 407 -9.24 12.98 6.95
C SER A 407 -8.52 14.33 6.97
N HIS A 408 -7.47 14.48 7.79
CA HIS A 408 -6.35 15.40 7.59
C HIS A 408 -6.67 16.86 7.30
N GLN A 409 -7.23 17.58 8.27
CA GLN A 409 -7.65 18.96 8.05
C GLN A 409 -6.49 19.92 7.75
N HIS A 410 -5.24 19.55 8.03
CA HIS A 410 -4.15 20.44 7.75
C HIS A 410 -2.93 19.68 7.25
N VAL A 411 -2.17 20.34 6.37
CA VAL A 411 -0.74 20.13 6.16
C VAL A 411 -0.14 21.52 6.02
N LYS A 412 1.11 21.70 6.46
CA LYS A 412 1.76 22.99 6.25
C LYS A 412 3.26 22.78 6.14
N ILE A 413 3.65 22.68 4.93
CA ILE A 413 5.08 22.57 4.68
C ILE A 413 5.70 23.96 4.83
N THR A 414 6.65 24.09 5.74
CA THR A 414 7.26 25.37 6.05
C THR A 414 8.77 25.26 5.96
N TYR A 415 9.33 25.66 4.81
CA TYR A 415 10.76 25.55 4.58
C TYR A 415 11.43 26.87 4.93
N ARG A 416 12.66 26.79 5.44
CA ARG A 416 13.52 27.94 5.59
C ARG A 416 14.36 28.06 4.31
N ASP A 417 14.44 29.27 3.77
CA ASP A 417 15.31 29.50 2.63
C ASP A 417 16.77 29.42 3.05
N GLY A 418 17.60 28.95 2.14
CA GLY A 418 19.03 29.02 2.37
C GLY A 418 19.51 30.46 2.38
N ARG A 419 20.53 30.71 3.20
CA ARG A 419 21.41 31.90 3.23
C ARG A 419 20.70 33.22 3.51
N THR A 420 19.36 33.21 3.62
CA THR A 420 18.62 34.44 3.91
C THR A 420 17.77 34.27 5.16
N GLY A 421 17.33 33.05 5.43
CA GLY A 421 16.41 32.78 6.51
C GLY A 421 14.97 33.13 6.24
N GLU A 422 14.60 33.35 4.98
CA GLU A 422 13.22 33.69 4.65
C GLU A 422 12.30 32.47 4.76
N LEU A 423 11.02 32.75 4.91
CA LEU A 423 10.01 31.72 5.10
C LEU A 423 9.23 31.50 3.81
N GLY A 424 9.10 30.24 3.40
CA GLY A 424 8.22 29.89 2.31
C GLY A 424 7.21 28.84 2.69
N TYR A 425 5.93 29.21 2.73
CA TYR A 425 4.89 28.22 2.99
C TYR A 425 4.54 27.48 1.70
N LEU A 426 5.22 26.36 1.47
CA LEU A 426 5.07 25.58 0.25
C LEU A 426 3.70 24.90 0.20
N ASN A 427 3.24 24.62 -1.02
CA ASN A 427 2.04 23.82 -1.21
C ASN A 427 2.26 22.41 -0.67
N PRO A 428 1.22 21.75 -0.15
CA PRO A 428 1.41 20.42 0.46
C PRO A 428 1.92 19.33 -0.47
N GLY A 429 1.23 19.06 -1.57
CA GLY A 429 1.51 17.88 -2.36
C GLY A 429 2.17 18.13 -3.70
N VAL A 430 3.16 19.03 -3.75
CA VAL A 430 3.79 19.47 -4.99
C VAL A 430 4.44 18.36 -5.79
N PHE A 431 5.46 17.71 -5.23
CA PHE A 431 6.25 16.75 -5.97
C PHE A 431 5.86 15.31 -5.70
N THR A 432 4.63 15.07 -5.27
CA THR A 432 4.16 13.72 -5.02
C THR A 432 2.95 13.41 -5.89
N GLN A 433 2.55 12.13 -5.87
CA GLN A 433 1.38 11.66 -6.58
C GLN A 433 0.39 10.95 -5.68
N SER A 434 0.72 10.78 -4.39
CA SER A 434 -0.18 10.16 -3.43
C SER A 434 -0.09 10.94 -2.12
N ARG A 435 -1.11 10.75 -1.28
CA ARG A 435 -1.17 11.42 0.01
C ARG A 435 -0.76 10.51 1.16
N ARG A 436 0.06 9.50 0.89
CA ARG A 436 0.50 8.61 1.95
C ARG A 436 1.72 9.12 2.71
N TRP A 437 2.33 10.22 2.27
CA TRP A 437 3.53 10.70 2.93
C TRP A 437 3.23 11.44 4.22
N LYS A 438 1.98 11.84 4.46
CA LYS A 438 1.63 12.59 5.65
C LYS A 438 1.22 11.71 6.83
N ASP A 439 0.73 10.50 6.57
CA ASP A 439 0.27 9.62 7.63
C ASP A 439 1.38 8.76 8.23
N HIS A 440 2.59 8.81 7.67
CA HIS A 440 3.65 7.90 8.06
C HIS A 440 4.95 8.66 8.19
N ALA A 441 5.83 8.18 9.06
CA ALA A 441 7.10 8.86 9.29
C ALA A 441 8.18 8.47 8.29
N ASP A 442 8.09 7.26 7.72
CA ASP A 442 9.11 6.83 6.78
C ASP A 442 9.01 7.57 5.45
N MET A 443 7.79 7.74 4.93
CA MET A 443 7.61 8.40 3.64
C MET A 443 7.81 9.90 3.77
N LEU A 444 7.73 10.45 4.98
CA LEU A 444 7.99 11.87 5.16
C LEU A 444 9.46 12.19 4.98
N LYS A 445 10.34 11.37 5.58
CA LYS A 445 11.78 11.61 5.51
C LYS A 445 12.30 11.45 4.09
N GLN A 446 11.74 10.49 3.34
CA GLN A 446 12.07 10.37 1.92
C GLN A 446 11.50 11.53 1.12
N TYR A 447 10.37 12.08 1.54
CA TYR A 447 9.85 13.28 0.89
C TYR A 447 10.60 14.52 1.35
N ALA A 448 11.18 14.48 2.55
CA ALA A 448 11.95 15.64 3.00
C ALA A 448 13.37 15.61 2.46
N THR A 449 13.83 14.46 1.99
CA THR A 449 15.16 14.41 1.39
C THR A 449 15.10 14.49 -0.13
N CYS A 450 13.92 14.28 -0.71
CA CYS A 450 13.74 14.54 -2.13
C CYS A 450 13.47 16.01 -2.38
N LEU A 451 12.73 16.66 -1.48
CA LEU A 451 12.57 18.11 -1.53
C LEU A 451 13.86 18.85 -1.21
N SER A 452 14.81 18.20 -0.53
CA SER A 452 16.06 18.86 -0.18
C SER A 452 17.00 19.02 -1.37
N ARG A 453 16.72 18.37 -2.49
CA ARG A 453 17.51 18.55 -3.70
C ARG A 453 16.74 19.19 -4.83
N LEU A 454 15.41 19.16 -4.79
CA LEU A 454 14.61 19.77 -5.84
C LEU A 454 14.54 21.29 -5.69
N LEU A 455 14.32 21.76 -4.48
CA LEU A 455 14.24 23.19 -4.15
C LEU A 455 15.45 24.06 -4.53
N PRO A 456 16.69 23.55 -4.65
CA PRO A 456 17.73 24.36 -5.34
C PRO A 456 17.40 24.76 -6.77
N LYS A 457 16.54 24.04 -7.47
CA LYS A 457 16.12 24.48 -8.79
C LYS A 457 15.15 25.66 -8.76
N TYR A 458 14.68 26.06 -7.58
CA TYR A 458 13.75 27.16 -7.42
C TYR A 458 14.28 28.18 -6.41
N ASN A 459 15.61 28.38 -6.43
CA ASN A 459 16.34 29.37 -5.65
C ASN A 459 16.17 29.17 -4.13
N VAL A 460 16.15 27.93 -3.68
CA VAL A 460 16.19 27.60 -2.26
C VAL A 460 17.35 26.63 -2.07
N THR A 461 18.51 27.14 -1.68
CA THR A 461 19.74 26.34 -1.73
C THR A 461 19.76 25.26 -0.65
N GLU A 462 19.69 25.66 0.62
CA GLU A 462 19.65 24.70 1.72
C GLU A 462 18.32 24.86 2.47
N PRO A 463 17.38 23.95 2.23
CA PRO A 463 16.08 24.06 2.90
C PRO A 463 16.10 23.42 4.28
N GLN A 464 15.35 24.01 5.18
CA GLN A 464 15.12 23.46 6.51
C GLN A 464 13.61 23.28 6.65
N ILE A 465 13.11 22.14 6.19
CA ILE A 465 11.68 21.93 5.97
C ILE A 465 11.06 21.39 7.24
N TYR A 466 10.07 22.11 7.76
CA TYR A 466 9.40 21.74 9.00
C TYR A 466 7.94 21.43 8.68
N PHE A 467 7.51 20.22 8.98
CA PHE A 467 6.15 19.81 8.66
C PHE A 467 5.24 20.03 9.86
N ASP A 468 4.02 20.45 9.58
CA ASP A 468 3.00 20.74 10.61
C ASP A 468 1.73 20.06 10.13
N ILE A 469 1.57 18.79 10.50
CA ILE A 469 0.50 17.95 9.99
C ILE A 469 -0.46 17.64 11.11
N TRP A 470 -1.68 18.16 11.01
CA TRP A 470 -2.72 17.92 12.00
C TRP A 470 -3.54 16.71 11.58
N VAL A 471 -3.21 15.54 12.12
CA VAL A 471 -3.96 14.32 11.85
C VAL A 471 -5.24 14.40 12.69
N SER A 472 -6.37 14.45 12.02
CA SER A 472 -7.65 14.50 12.72
C SER A 472 -8.22 13.10 12.91
N ILE A 473 -8.87 12.90 14.05
CA ILE A 473 -9.56 11.65 14.35
C ILE A 473 -11.01 11.92 13.98
N ASN A 474 -11.83 10.85 13.94
CA ASN A 474 -13.10 10.73 13.20
C ASN A 474 -13.99 11.97 13.15
N ASP A 475 -14.15 12.66 14.27
CA ASP A 475 -14.80 13.96 14.25
C ASP A 475 -14.08 14.99 15.12
N ARG A 476 -13.29 14.57 16.10
CA ARG A 476 -12.65 15.47 17.04
C ARG A 476 -11.19 15.05 17.19
N PHE A 477 -10.55 15.59 18.23
CA PHE A 477 -9.17 15.27 18.63
C PHE A 477 -8.16 15.57 17.53
N GLN A 478 -8.04 16.86 17.20
CA GLN A 478 -7.03 17.30 16.23
C GLN A 478 -5.71 17.52 16.95
N GLN A 479 -4.67 16.81 16.52
CA GLN A 479 -3.37 16.94 17.15
C GLN A 479 -2.29 16.59 16.15
N ARG A 480 -1.09 17.11 16.38
CA ARG A 480 -0.02 16.98 15.42
C ARG A 480 0.54 15.56 15.41
N ILE A 481 1.19 15.19 14.31
CA ILE A 481 1.84 13.89 14.22
C ILE A 481 3.36 14.05 14.12
N PHE A 482 3.85 15.20 13.69
CA PHE A 482 5.28 15.45 13.59
C PHE A 482 5.64 16.74 14.30
N ASP A 483 6.88 16.81 14.76
CA ASP A 483 7.35 17.97 15.51
C ASP A 483 7.61 19.14 14.56
N PRO A 484 6.88 20.25 14.67
CA PRO A 484 7.02 21.30 13.66
C PRO A 484 8.21 22.21 13.89
N ARG A 485 9.02 21.98 14.91
CA ARG A 485 10.20 22.83 15.10
C ARG A 485 11.48 22.18 14.60
N VAL A 486 11.45 20.90 14.26
CA VAL A 486 12.66 20.17 13.91
C VAL A 486 12.78 20.03 12.40
N ASP A 487 14.01 20.04 11.91
CA ASP A 487 14.28 19.95 10.49
C ASP A 487 14.23 18.48 10.08
N ILE A 488 13.23 18.11 9.30
CA ILE A 488 13.05 16.73 8.86
C ILE A 488 14.09 16.33 7.82
N VAL A 489 14.79 17.31 7.23
CA VAL A 489 15.88 17.01 6.30
C VAL A 489 17.05 16.38 7.03
N GLN A 490 17.43 16.93 8.18
CA GLN A 490 18.64 16.52 8.89
C GLN A 490 18.38 15.54 10.04
N ALA A 491 17.17 15.50 10.58
CA ALA A 491 16.90 14.71 11.77
C ALA A 491 16.90 13.22 11.46
N ALA A 492 17.55 12.45 12.35
CA ALA A 492 17.91 11.07 12.07
C ALA A 492 16.69 10.17 12.21
N TRP A 493 16.48 9.30 11.22
CA TRP A 493 15.46 8.26 11.27
C TRP A 493 16.11 6.96 10.82
N SER A 494 16.14 5.98 11.73
CA SER A 494 16.72 4.67 11.44
C SER A 494 15.59 3.66 11.44
N PRO A 495 15.62 2.67 10.53
CA PRO A 495 14.46 1.78 10.36
C PRO A 495 14.18 0.87 11.54
N PHE A 496 15.16 0.63 12.42
CA PHE A 496 14.97 -0.25 13.56
C PHE A 496 14.94 0.48 14.89
N GLN A 497 15.57 1.65 14.98
CA GLN A 497 15.50 2.48 16.17
C GLN A 497 14.16 3.20 16.23
N ARG A 498 13.85 3.77 17.40
CA ARG A 498 12.62 4.54 17.55
C ARG A 498 12.76 5.88 16.84
N THR A 499 11.70 6.32 16.17
CA THR A 499 11.71 7.62 15.52
C THR A 499 11.53 8.71 16.57
N SER A 500 12.42 9.69 16.55
CA SER A 500 12.43 10.70 17.61
C SER A 500 11.34 11.74 17.42
N TRP A 501 11.20 12.28 16.20
CA TRP A 501 10.39 13.46 15.95
C TRP A 501 8.94 13.14 15.62
N VAL A 502 8.46 11.96 16.01
CA VAL A 502 7.04 11.64 15.91
C VAL A 502 6.39 11.99 17.23
N GLN A 503 5.38 12.84 17.18
CA GLN A 503 4.64 13.09 18.40
C GLN A 503 3.75 11.90 18.71
N PRO A 504 3.68 11.47 19.97
CA PRO A 504 2.84 10.32 20.31
C PRO A 504 1.36 10.68 20.28
N LEU A 505 0.55 9.71 19.88
CA LEU A 505 -0.89 9.83 20.06
C LEU A 505 -1.19 9.84 21.54
N LEU A 506 -2.06 10.74 21.98
CA LEU A 506 -2.39 10.85 23.39
C LEU A 506 -3.43 9.78 23.71
N MET A 507 -2.95 8.61 24.12
CA MET A 507 -3.84 7.50 24.48
C MET A 507 -4.44 7.68 25.86
N ASP A 508 -3.86 8.55 26.69
CA ASP A 508 -4.53 8.98 27.90
C ASP A 508 -5.76 9.83 27.59
N LEU A 509 -5.78 10.44 26.41
CA LEU A 509 -6.92 11.22 25.94
C LEU A 509 -7.94 10.36 25.21
N SER A 510 -7.74 9.05 25.15
CA SER A 510 -8.75 8.13 24.63
C SER A 510 -9.88 7.87 25.61
N PRO A 511 -9.68 7.84 26.94
CA PRO A 511 -10.83 8.04 27.83
C PRO A 511 -11.47 9.41 27.71
N TRP A 512 -10.71 10.44 27.32
CA TRP A 512 -11.34 11.71 26.96
C TRP A 512 -12.07 11.61 25.64
N ARG A 513 -11.67 10.67 24.77
CA ARG A 513 -12.47 10.38 23.59
C ARG A 513 -13.72 9.57 23.91
N ALA A 514 -13.84 9.08 25.15
CA ALA A 514 -15.14 8.68 25.66
C ALA A 514 -15.86 9.83 26.36
N LYS A 515 -15.10 10.83 26.82
CA LYS A 515 -15.68 12.00 27.46
C LYS A 515 -16.33 12.94 26.44
N LEU A 516 -16.00 12.80 25.15
CA LEU A 516 -16.69 13.55 24.11
C LEU A 516 -18.18 13.24 24.05
N GLN A 517 -18.55 11.98 24.29
CA GLN A 517 -19.97 11.61 24.28
C GLN A 517 -20.71 12.20 25.46
N GLU A 518 -20.02 12.49 26.55
CA GLU A 518 -20.64 13.23 27.64
C GLU A 518 -20.96 14.66 27.20
N ILE A 519 -20.07 15.26 26.41
CA ILE A 519 -20.30 16.63 25.94
C ILE A 519 -21.21 16.64 24.71
N LYS A 520 -21.12 15.61 23.86
CA LYS A 520 -21.92 15.59 22.63
C LYS A 520 -23.39 15.32 22.92
N SER A 521 -23.69 14.38 23.82
CA SER A 521 -25.08 14.07 24.14
C SER A 521 -25.75 15.17 24.93
N SER A 522 -25.00 15.90 25.75
CA SER A 522 -25.55 17.02 26.52
C SER A 522 -25.79 18.25 25.67
N LEU A 523 -25.16 18.34 24.50
CA LEU A 523 -25.33 19.48 23.61
C LEU A 523 -26.25 19.09 22.44
N ASP A 524 -26.81 20.11 21.81
CA ASP A 524 -27.83 19.91 20.78
C ASP A 524 -27.20 19.73 19.41
N ASN A 525 -28.02 19.73 18.37
CA ASN A 525 -27.60 19.47 17.00
C ASN A 525 -26.84 20.62 16.36
N HIS A 526 -27.04 21.85 16.84
CA HIS A 526 -26.51 23.03 16.15
C HIS A 526 -25.19 23.52 16.73
N THR A 527 -24.81 23.04 17.90
CA THR A 527 -23.49 23.35 18.45
C THR A 527 -22.51 22.26 18.05
N GLU A 528 -21.59 22.60 17.16
CA GLU A 528 -20.57 21.68 16.67
C GLU A 528 -19.26 21.95 17.39
N VAL A 529 -18.52 20.90 17.67
CA VAL A 529 -17.30 21.02 18.47
C VAL A 529 -16.24 20.07 17.92
N VAL A 530 -15.01 20.57 17.83
CA VAL A 530 -13.84 19.77 17.53
C VAL A 530 -12.88 19.91 18.71
N PHE A 531 -12.04 18.91 18.93
CA PHE A 531 -11.13 18.91 20.07
C PHE A 531 -9.69 19.02 19.60
N ILE A 532 -8.87 19.69 20.40
CA ILE A 532 -7.49 19.98 20.05
C ILE A 532 -6.59 19.50 21.18
N ALA A 533 -5.49 18.84 20.83
CA ALA A 533 -4.46 18.45 21.78
C ALA A 533 -3.14 19.06 21.31
N ASP A 534 -2.46 19.75 22.21
CA ASP A 534 -1.27 20.51 21.85
C ASP A 534 -0.13 20.17 22.80
N PHE A 535 1.07 20.13 22.26
CA PHE A 535 2.32 19.81 22.93
C PHE A 535 3.02 21.09 23.36
N PRO A 536 4.00 21.01 24.27
CA PRO A 536 4.72 22.23 24.70
C PRO A 536 5.49 22.92 23.58
N GLY A 537 5.52 24.24 23.65
CA GLY A 537 6.23 25.07 22.69
C GLY A 537 5.49 25.38 21.41
N LEU A 538 4.29 24.84 21.22
CA LEU A 538 3.57 24.96 19.96
C LEU A 538 2.32 25.80 20.12
N HIS A 539 1.73 26.15 18.98
CA HIS A 539 0.53 26.98 18.96
C HIS A 539 -0.27 26.69 17.70
N LEU A 540 -1.58 26.84 17.82
CA LEU A 540 -2.50 26.64 16.70
C LEU A 540 -3.05 27.99 16.28
N GLU A 541 -2.55 28.51 15.16
CA GLU A 541 -3.06 29.75 14.59
C GLU A 541 -4.29 29.43 13.75
N ASN A 542 -5.47 29.63 14.31
CA ASN A 542 -6.71 29.31 13.63
C ASN A 542 -7.48 30.58 13.34
N PHE A 543 -8.15 30.61 12.19
CA PHE A 543 -8.96 31.74 11.78
C PHE A 543 -10.43 31.40 12.00
N VAL A 544 -11.03 32.04 13.00
CA VAL A 544 -12.48 31.98 13.14
C VAL A 544 -13.10 32.81 12.05
N SER A 545 -14.08 32.24 11.35
CA SER A 545 -14.68 32.94 10.22
C SER A 545 -15.72 33.95 10.71
N GLU A 546 -16.32 34.66 9.75
CA GLU A 546 -17.45 35.52 10.06
C GLU A 546 -18.72 34.71 10.31
N ASP A 547 -18.77 33.48 9.80
CA ASP A 547 -19.92 32.61 10.04
C ASP A 547 -19.94 32.12 11.49
N LEU A 548 -18.78 32.00 12.11
CA LEU A 548 -18.67 31.36 13.43
C LEU A 548 -18.70 32.41 14.54
N GLY A 549 -19.84 33.08 14.66
CA GLY A 549 -20.12 33.85 15.84
C GLY A 549 -20.46 32.96 17.01
N ASN A 550 -20.33 33.52 18.22
CA ASN A 550 -20.56 32.83 19.50
C ASN A 550 -19.69 31.56 19.60
N THR A 551 -18.39 31.77 19.47
CA THR A 551 -17.41 30.69 19.50
C THR A 551 -16.61 30.77 20.80
N SER A 552 -16.56 29.67 21.53
CA SER A 552 -15.94 29.67 22.85
C SER A 552 -14.89 28.57 22.93
N ILE A 553 -14.07 28.67 23.97
CA ILE A 553 -13.00 27.71 24.25
C ILE A 553 -13.23 27.16 25.65
N GLN A 554 -12.77 25.93 25.87
CA GLN A 554 -12.73 25.32 27.20
C GLN A 554 -11.43 24.52 27.30
N LEU A 555 -10.51 24.99 28.14
CA LEU A 555 -9.26 24.28 28.37
C LEU A 555 -9.49 23.22 29.43
N LEU A 556 -9.28 21.96 29.06
CA LEU A 556 -9.57 20.85 29.97
C LEU A 556 -8.33 20.41 30.75
N GLN A 557 -7.29 19.98 30.04
CA GLN A 557 -6.06 19.52 30.66
C GLN A 557 -4.93 20.42 30.19
N GLY A 558 -4.03 20.76 31.11
CA GLY A 558 -2.91 21.62 30.80
C GLY A 558 -3.22 23.09 30.98
N GLU A 559 -2.28 23.92 30.53
CA GLU A 559 -2.41 25.37 30.66
C GLU A 559 -2.02 26.02 29.34
N VAL A 560 -2.95 26.78 28.76
CA VAL A 560 -2.68 27.50 27.53
C VAL A 560 -3.10 28.96 27.69
N THR A 561 -2.48 29.82 26.89
CA THR A 561 -2.87 31.22 26.80
C THR A 561 -3.37 31.50 25.39
N VAL A 562 -4.54 32.12 25.29
CA VAL A 562 -5.13 32.50 24.02
C VAL A 562 -4.82 33.96 23.79
N GLU A 563 -4.26 34.29 22.62
CA GLU A 563 -3.94 35.67 22.28
C GLU A 563 -4.56 36.02 20.94
N LEU A 564 -5.47 36.99 20.96
CA LEU A 564 -6.10 37.50 19.75
C LEU A 564 -5.20 38.54 19.11
N VAL A 565 -4.71 38.25 17.91
CA VAL A 565 -3.73 39.13 17.28
C VAL A 565 -4.38 40.41 16.78
N ALA A 566 -5.69 40.37 16.52
CA ALA A 566 -6.42 41.59 16.19
C ALA A 566 -6.53 42.50 17.41
N GLU A 567 -6.67 41.91 18.60
CA GLU A 567 -6.77 42.68 19.84
C GLU A 567 -5.45 42.84 20.56
N GLN A 568 -4.44 42.04 20.21
CA GLN A 568 -3.07 42.10 20.75
C GLN A 568 -3.05 41.96 22.27
N LYS A 569 -3.83 41.03 22.80
CA LYS A 569 -3.87 40.78 24.23
C LYS A 569 -3.79 39.28 24.52
N ASN A 570 -2.80 38.91 25.31
CA ASN A 570 -2.74 37.57 25.90
C ASN A 570 -3.78 37.41 27.00
N GLN A 571 -4.26 36.19 27.16
CA GLN A 571 -5.18 35.82 28.23
C GLN A 571 -4.89 34.38 28.60
N THR A 572 -4.29 34.18 29.77
CA THR A 572 -3.98 32.83 30.24
C THR A 572 -5.26 32.14 30.71
N LEU A 573 -5.52 30.95 30.17
CA LEU A 573 -6.70 30.18 30.52
C LEU A 573 -6.37 29.16 31.60
N ARG A 574 -7.37 28.85 32.41
CA ARG A 574 -7.26 27.83 33.44
C ARG A 574 -8.04 26.58 33.04
N GLU A 575 -7.91 25.53 33.83
CA GLU A 575 -8.55 24.26 33.53
C GLU A 575 -10.05 24.37 33.76
N GLY A 576 -10.84 23.98 32.75
CA GLY A 576 -12.28 24.09 32.81
C GLY A 576 -12.85 25.47 32.52
N GLU A 577 -12.00 26.48 32.34
CA GLU A 577 -12.45 27.85 32.15
C GLU A 577 -13.05 28.03 30.77
N LYS A 578 -14.14 28.80 30.69
CA LYS A 578 -14.81 29.10 29.44
C LYS A 578 -14.55 30.55 29.04
N MET A 579 -14.26 30.76 27.76
CA MET A 579 -13.97 32.10 27.24
C MET A 579 -14.37 32.15 25.77
N GLN A 580 -15.09 33.21 25.39
CA GLN A 580 -15.55 33.36 24.03
C GLN A 580 -14.41 33.86 23.13
N LEU A 581 -14.66 33.83 21.82
CA LEU A 581 -13.73 34.30 20.81
C LEU A 581 -14.43 35.21 19.81
N PRO A 582 -13.72 36.20 19.27
CA PRO A 582 -14.32 37.06 18.24
C PRO A 582 -14.34 36.38 16.87
N ALA A 583 -15.38 36.67 16.11
CA ALA A 583 -15.56 36.11 14.78
C ALA A 583 -14.85 36.96 13.74
N GLY A 584 -14.45 36.31 12.65
CA GLY A 584 -13.79 36.99 11.56
C GLY A 584 -12.35 37.37 11.79
N GLU A 585 -11.71 36.86 12.84
CA GLU A 585 -10.34 37.20 13.17
C GLU A 585 -9.51 35.94 13.33
N TYR A 586 -8.19 36.12 13.38
CA TYR A 586 -7.26 35.08 13.76
C TYR A 586 -7.10 35.07 15.27
N HIS A 587 -6.70 33.91 15.79
CA HIS A 587 -6.32 33.81 17.19
C HIS A 587 -5.24 32.74 17.32
N LYS A 588 -4.31 32.99 18.24
CA LYS A 588 -3.21 32.08 18.50
C LYS A 588 -3.29 31.61 19.94
N VAL A 589 -3.33 30.30 20.13
CA VAL A 589 -3.40 29.69 21.45
C VAL A 589 -2.06 28.99 21.71
N TYR A 590 -1.25 29.59 22.58
CA TYR A 590 0.08 29.09 22.87
C TYR A 590 0.03 28.13 24.05
N THR A 591 0.82 27.06 23.99
CA THR A 591 0.92 26.13 25.10
C THR A 591 2.10 26.50 25.99
N THR A 592 1.84 26.73 27.27
CA THR A 592 2.88 27.01 28.25
C THR A 592 3.04 25.91 29.28
N SER A 593 2.23 24.87 29.23
CA SER A 593 2.31 23.77 30.16
C SER A 593 3.45 22.83 29.78
N PRO A 594 4.10 22.18 30.76
CA PRO A 594 5.08 21.14 30.42
C PRO A 594 4.42 19.84 29.99
N SER A 595 3.15 19.65 30.31
CA SER A 595 2.33 18.52 29.92
C SER A 595 1.63 18.81 28.60
N PRO A 596 1.21 17.77 27.86
CA PRO A 596 0.42 18.02 26.65
C PRO A 596 -0.95 18.59 26.98
N SER A 597 -1.14 19.87 26.62
CA SER A 597 -2.37 20.58 26.93
C SER A 597 -3.43 20.25 25.89
N CYS A 598 -4.69 20.22 26.34
CA CYS A 598 -5.81 19.86 25.48
C CYS A 598 -6.98 20.79 25.74
N TYR A 599 -7.70 21.14 24.69
CA TYR A 599 -8.82 22.06 24.78
C TYR A 599 -9.79 21.76 23.63
N MET A 600 -10.90 22.49 23.61
CA MET A 600 -12.01 22.19 22.72
C MET A 600 -12.61 23.48 22.18
N TYR A 601 -13.17 23.39 20.98
CA TYR A 601 -13.70 24.54 20.24
C TYR A 601 -15.19 24.34 19.99
N VAL A 602 -16.03 24.84 20.89
CA VAL A 602 -17.47 24.89 20.62
C VAL A 602 -17.72 26.07 19.70
N TYR A 603 -18.48 25.83 18.62
CA TYR A 603 -18.80 26.87 17.66
C TYR A 603 -20.17 26.64 17.07
N VAL A 604 -20.82 27.74 16.69
CA VAL A 604 -22.11 27.72 16.00
C VAL A 604 -22.03 28.63 14.78
N ASN A 605 -22.54 28.14 13.65
CA ASN A 605 -22.61 28.92 12.42
C ASN A 605 -23.89 29.74 12.48
N THR A 606 -23.77 30.98 12.98
CA THR A 606 -24.95 31.80 13.25
C THR A 606 -25.65 32.24 11.98
N THR A 607 -24.90 32.47 10.89
CA THR A 607 -25.54 32.84 9.63
C THR A 607 -26.24 31.65 9.00
N GLU A 608 -25.69 30.44 9.17
CA GLU A 608 -26.38 29.25 8.70
C GLU A 608 -27.60 28.94 9.55
N LEU A 609 -27.56 29.31 10.84
CA LEU A 609 -28.74 29.12 11.69
C LEU A 609 -29.75 30.22 11.47
N ALA A 610 -29.29 31.43 11.10
CA ALA A 610 -30.23 32.46 10.67
C ALA A 610 -30.85 32.11 9.32
N LEU A 611 -30.13 31.36 8.49
CA LEU A 611 -30.72 30.79 7.28
C LEU A 611 -31.73 29.72 7.63
N GLU A 612 -31.52 29.03 8.77
CA GLU A 612 -32.48 28.04 9.25
C GLU A 612 -33.67 28.70 9.96
N GLN A 613 -33.48 29.91 10.48
CA GLN A 613 -34.54 30.60 11.19
C GLN A 613 -35.45 31.41 10.28
N ASP A 614 -35.12 31.53 9.00
CA ASP A 614 -35.94 32.29 8.06
C ASP A 614 -36.68 31.36 7.11
N PRO A 676 -29.26 -0.15 -16.56
CA PRO A 676 -29.59 -1.55 -16.28
C PRO A 676 -28.35 -2.42 -16.07
N PHE A 677 -28.54 -3.57 -15.43
CA PHE A 677 -27.39 -4.43 -15.13
C PHE A 677 -26.85 -5.13 -16.37
N HIS A 678 -27.69 -5.32 -17.40
CA HIS A 678 -27.23 -5.93 -18.64
C HIS A 678 -26.59 -4.92 -19.57
N GLU A 679 -26.52 -3.64 -19.19
CA GLU A 679 -25.79 -2.65 -19.95
C GLU A 679 -24.71 -1.96 -19.14
N ARG A 680 -24.73 -2.10 -17.81
CA ARG A 680 -23.61 -1.63 -16.99
C ARG A 680 -22.36 -2.44 -17.28
N PHE A 681 -22.51 -3.77 -17.42
CA PHE A 681 -21.38 -4.62 -17.74
C PHE A 681 -20.87 -4.37 -19.16
N PHE A 682 -21.76 -3.99 -20.08
CA PHE A 682 -21.32 -3.56 -21.39
C PHE A 682 -20.56 -2.24 -21.31
N ARG A 683 -21.00 -1.35 -20.42
CA ARG A 683 -20.21 -0.14 -20.14
C ARG A 683 -18.95 -0.45 -19.37
N PHE A 684 -18.95 -1.50 -18.55
CA PHE A 684 -17.74 -1.93 -17.87
C PHE A 684 -16.77 -2.59 -18.85
N LEU A 685 -17.31 -3.27 -19.87
CA LEU A 685 -16.46 -3.95 -20.84
C LEU A 685 -15.72 -2.94 -21.72
N LEU A 686 -16.41 -1.87 -22.15
CA LEU A 686 -15.74 -0.87 -22.98
C LEU A 686 -14.75 -0.04 -22.17
N ARG A 687 -14.95 0.04 -20.85
CA ARG A 687 -13.94 0.66 -19.99
C ARG A 687 -12.67 -0.17 -19.95
N LYS A 688 -12.80 -1.48 -19.73
CA LYS A 688 -11.63 -2.33 -19.59
C LYS A 688 -10.93 -2.58 -20.92
N LEU A 689 -11.67 -2.53 -22.04
CA LEU A 689 -11.01 -2.64 -23.33
C LEU A 689 -10.24 -1.38 -23.71
N TYR A 690 -10.48 -0.26 -23.03
CA TYR A 690 -9.57 0.87 -23.17
C TYR A 690 -8.27 0.60 -22.42
N VAL A 691 -8.36 -0.07 -21.27
CA VAL A 691 -7.16 -0.39 -20.47
C VAL A 691 -6.26 -1.35 -21.22
N PHE A 692 -6.84 -2.38 -21.85
CA PHE A 692 -6.05 -3.34 -22.61
C PHE A 692 -5.49 -2.72 -23.88
N ARG A 693 -6.24 -1.82 -24.52
CA ARG A 693 -5.77 -1.21 -25.76
C ARG A 693 -4.66 -0.20 -25.51
N ARG A 694 -4.83 0.64 -24.48
CA ARG A 694 -3.86 1.71 -24.21
C ARG A 694 -2.55 1.15 -23.68
N SER A 695 -2.62 0.10 -22.86
CA SER A 695 -1.41 -0.50 -22.31
C SER A 695 -0.65 -1.28 -23.37
N PHE A 696 -1.36 -1.95 -24.28
CA PHE A 696 -0.68 -2.70 -25.33
C PHE A 696 -0.07 -1.78 -26.37
N LEU A 697 -0.78 -0.70 -26.72
CA LEU A 697 -0.28 0.20 -27.77
C LEU A 697 0.92 1.00 -27.31
N MET A 698 0.87 1.53 -26.09
CA MET A 698 1.95 2.40 -25.60
C MET A 698 3.22 1.62 -25.32
N THR A 699 3.10 0.32 -25.06
CA THR A 699 4.29 -0.50 -24.82
C THR A 699 5.12 -0.67 -26.09
N CYS A 700 4.46 -0.96 -27.21
CA CYS A 700 5.18 -1.10 -28.48
C CYS A 700 5.75 0.23 -28.97
N ILE A 701 5.13 1.36 -28.62
CA ILE A 701 5.71 2.66 -28.95
C ILE A 701 7.01 2.87 -28.18
N SER A 702 6.99 2.64 -26.88
CA SER A 702 8.19 2.88 -26.07
C SER A 702 9.21 1.75 -26.18
N LEU A 703 8.84 0.61 -26.78
CA LEU A 703 9.84 -0.42 -27.06
C LEU A 703 10.58 -0.13 -28.36
N ARG A 704 10.00 0.73 -29.20
CA ARG A 704 10.65 1.12 -30.45
C ARG A 704 11.89 1.98 -30.19
N ASN A 705 11.89 2.74 -29.10
CA ASN A 705 13.00 3.66 -28.81
C ASN A 705 14.29 2.95 -28.43
N LEU A 706 14.21 1.70 -27.97
CA LEU A 706 15.43 0.96 -27.67
C LEU A 706 15.98 0.23 -28.89
N ILE A 707 15.10 -0.37 -29.69
CA ILE A 707 15.54 -1.25 -30.77
C ILE A 707 15.73 -0.45 -32.05
N LEU A 708 14.78 0.44 -32.35
CA LEU A 708 14.79 1.20 -33.58
C LEU A 708 15.14 2.66 -33.39
N GLY A 709 15.52 3.07 -32.18
CA GLY A 709 15.88 4.44 -31.91
C GLY A 709 14.66 5.34 -31.73
N ARG A 710 14.94 6.60 -31.45
CA ARG A 710 13.82 7.51 -31.19
C ARG A 710 13.26 8.06 -32.49
N PRO A 711 11.93 8.17 -32.59
CA PRO A 711 11.33 8.85 -33.76
C PRO A 711 11.32 10.35 -33.60
N SER A 712 10.71 11.06 -34.54
CA SER A 712 10.55 12.49 -34.39
C SER A 712 9.41 12.78 -33.42
N LEU A 713 9.42 14.01 -32.86
CA LEU A 713 8.41 14.40 -31.88
C LEU A 713 7.04 14.54 -32.51
N GLU A 714 6.98 14.98 -33.77
CA GLU A 714 5.70 15.06 -34.46
C GLU A 714 5.22 13.71 -34.96
N GLN A 715 6.10 12.73 -35.08
CA GLN A 715 5.67 11.37 -35.43
C GLN A 715 4.97 10.70 -34.26
N LEU A 716 5.60 10.71 -33.08
CA LEU A 716 5.06 10.03 -31.92
C LEU A 716 3.80 10.71 -31.40
N ALA A 717 3.62 12.00 -31.71
CA ALA A 717 2.40 12.72 -31.32
C ALA A 717 1.17 12.12 -32.00
N GLN A 718 1.31 11.67 -33.25
CA GLN A 718 0.22 10.94 -33.88
C GLN A 718 0.07 9.54 -33.28
N GLU A 719 1.14 9.02 -32.66
CA GLU A 719 1.11 7.67 -32.10
C GLU A 719 0.51 7.65 -30.70
N VAL A 720 0.73 8.71 -29.92
CA VAL A 720 0.24 8.68 -28.54
C VAL A 720 -1.25 9.00 -28.48
N THR A 721 -1.75 9.83 -29.39
CA THR A 721 -3.19 10.07 -29.45
C THR A 721 -3.91 8.95 -30.19
N TYR A 722 -3.17 8.09 -30.88
CA TYR A 722 -3.75 6.88 -31.46
C TYR A 722 -4.22 5.91 -30.39
N ALA A 723 -3.55 5.91 -29.22
CA ALA A 723 -3.89 4.98 -28.15
C ALA A 723 -4.95 5.55 -27.22
N ASN A 724 -4.90 6.85 -26.95
CA ASN A 724 -5.79 7.49 -25.99
C ASN A 724 -7.25 7.55 -26.43
N LEU A 725 -7.54 7.27 -27.70
CA LEU A 725 -8.92 7.28 -28.17
C LEU A 725 -9.67 6.08 -27.61
N ARG A 726 -10.99 6.18 -27.65
CA ARG A 726 -11.85 5.04 -27.29
C ARG A 726 -12.07 4.18 -28.52
N PRO A 727 -11.86 2.86 -28.44
CA PRO A 727 -11.97 1.96 -29.60
C PRO A 727 -13.39 1.84 -30.14
#